data_5QPY
#
_entry.id   5QPY
#
_cell.length_a   57.824
_cell.length_b   57.824
_cell.length_c   395.675
_cell.angle_alpha   90.000
_cell.angle_beta   90.000
_cell.angle_gamma   120.000
#
_symmetry.space_group_name_H-M   'P 61 2 2'
#
loop_
_entity.id
_entity.type
_entity.pdbx_description
1 polymer 'Farnesyl diphosphate synthase'
2 non-polymer 'SULFATE ION'
3 non-polymer 'ACETATE ION'
4 non-polymer 'ZINC ION'
5 non-polymer 1-ethyl-N-[(4-fluorophenyl)methyl]-1H-pyrazole-4-carboxamide
6 water water
#
_entity_poly.entity_id   1
_entity_poly.type   'polypeptide(L)'
_entity_poly.pdbx_seq_one_letter_code
;GPMASMERFLSVYDEVQAFLLDQLQSKYEIDPNRARYLRIMMDTTCLGGKYFRGMTVVNVAEGFLAVTQHDEATKERILH
DACVGGWMIEFLQAHYLVEDDIMDGSVMRRGKPCWYRFPGVTTQCAINDGIILKSWTQIMAWHYFADRPFLKDLLCLFQK
VDYATAVGQMYDVTSMCDSNKLDPEVAQPMTTDFAEFTPAIYKRIVKYKTTFYTYLLPLVMGLLVSEAAASVEMNLVERV
AHLIGEYFQVQDDVMDCFTPPEQLGKVGTDIEDAKCSWLAVTFLGKANAAQVAEFKANYGEKDPAKVAVVKRLYSKANLQ
ADFAAYEAEVVREVESLIEQLKVKSPTFAESVAVVWEKTHKRKK
;
_entity_poly.pdbx_strand_id   A
#
# COMPACT_ATOMS: atom_id res chain seq x y z
N MET A 3 14.25 18.22 -16.37
CA MET A 3 13.02 17.44 -16.76
C MET A 3 12.10 17.21 -15.53
N ALA A 4 10.79 17.48 -15.68
CA ALA A 4 9.85 17.32 -14.55
C ALA A 4 9.73 15.84 -14.15
N SER A 5 9.52 15.65 -12.85
CA SER A 5 9.65 14.34 -12.24
C SER A 5 8.66 13.33 -12.75
N MET A 6 7.43 13.77 -12.90
CA MET A 6 6.38 12.84 -13.34
C MET A 6 6.60 12.38 -14.79
N GLU A 7 6.99 13.29 -15.68
CA GLU A 7 7.26 12.91 -17.07
C GLU A 7 8.45 11.97 -17.14
N ARG A 8 9.45 12.21 -16.29
CA ARG A 8 10.57 11.26 -16.21
C ARG A 8 10.08 9.86 -15.78
N PHE A 9 9.30 9.85 -14.70
CA PHE A 9 8.71 8.63 -14.15
C PHE A 9 7.93 7.82 -15.19
N LEU A 10 7.03 8.49 -15.89
CA LEU A 10 6.25 7.82 -16.98
C LEU A 10 7.01 7.40 -18.16
N SER A 11 8.10 8.14 -18.54
CA SER A 11 8.96 7.66 -19.61
C SER A 11 9.70 6.45 -19.28
N VAL A 12 10.11 6.34 -18.01
CA VAL A 12 10.75 5.16 -17.56
C VAL A 12 9.78 3.98 -17.55
N TYR A 13 8.50 4.20 -17.22
CA TYR A 13 7.54 3.07 -17.40
C TYR A 13 7.65 2.54 -18.84
N ASP A 14 7.59 3.42 -19.85
CA ASP A 14 7.65 2.93 -21.22
C ASP A 14 8.93 2.16 -21.53
N GLU A 15 10.05 2.65 -21.00
CA GLU A 15 11.33 2.02 -21.22
C GLU A 15 11.41 0.57 -20.57
N VAL A 16 10.88 0.49 -19.36
CA VAL A 16 10.87 -0.73 -18.55
C VAL A 16 9.92 -1.73 -19.21
N GLN A 17 8.73 -1.27 -19.59
CA GLN A 17 7.80 -2.10 -20.39
C GLN A 17 8.48 -2.68 -21.60
N ALA A 18 9.15 -1.84 -22.41
CA ALA A 18 9.74 -2.31 -23.67
C ALA A 18 10.78 -3.32 -23.35
N PHE A 19 11.67 -3.01 -22.39
CA PHE A 19 12.67 -3.91 -21.95
C PHE A 19 12.07 -5.31 -21.58
N LEU A 20 11.08 -5.31 -20.72
CA LEU A 20 10.52 -6.62 -20.21
C LEU A 20 9.94 -7.45 -21.40
N LEU A 21 9.21 -6.78 -22.25
CA LEU A 21 8.59 -7.48 -23.40
C LEU A 21 9.61 -7.90 -24.43
N ASP A 22 10.63 -7.07 -24.66
CA ASP A 22 11.67 -7.40 -25.60
C ASP A 22 12.45 -8.61 -25.08
N GLN A 23 12.74 -8.64 -23.77
CA GLN A 23 13.38 -9.74 -23.15
C GLN A 23 12.49 -11.02 -23.18
N LEU A 24 11.16 -10.89 -23.08
CA LEU A 24 10.35 -12.05 -23.25
C LEU A 24 10.51 -12.63 -24.62
N GLN A 25 10.63 -11.78 -25.62
CA GLN A 25 10.75 -12.31 -27.00
C GLN A 25 12.12 -12.94 -27.28
N SER A 26 13.18 -12.29 -26.85
CA SER A 26 14.49 -12.77 -27.12
C SER A 26 14.93 -13.90 -26.25
N LYS A 27 14.40 -14.06 -25.02
CA LYS A 27 14.94 -15.08 -24.12
C LYS A 27 13.91 -16.05 -23.61
N TYR A 28 12.62 -15.77 -23.77
CA TYR A 28 11.59 -16.61 -23.19
C TYR A 28 10.63 -17.16 -24.23
N GLU A 29 10.99 -16.97 -25.50
CA GLU A 29 10.28 -17.56 -26.63
C GLU A 29 8.81 -17.08 -26.76
N ILE A 30 8.50 -15.88 -26.29
CA ILE A 30 7.16 -15.44 -26.36
C ILE A 30 6.75 -15.05 -27.79
N ASP A 31 5.47 -15.24 -28.10
CA ASP A 31 4.87 -14.84 -29.32
C ASP A 31 4.17 -13.50 -29.20
N PRO A 32 3.85 -12.85 -30.33
CA PRO A 32 3.36 -11.51 -30.31
C PRO A 32 2.03 -11.36 -29.59
N ASN A 33 1.15 -12.35 -29.65
CA ASN A 33 -0.11 -12.23 -29.07
C ASN A 33 -0.05 -12.27 -27.50
N ARG A 34 0.82 -13.13 -27.01
CA ARG A 34 0.99 -13.23 -25.55
C ARG A 34 1.75 -12.07 -25.03
N ALA A 35 2.65 -11.53 -25.86
CA ALA A 35 3.31 -10.30 -25.46
C ALA A 35 2.32 -9.14 -25.39
N ARG A 36 1.35 -9.12 -26.32
CA ARG A 36 0.31 -8.10 -26.25
C ARG A 36 -0.61 -8.26 -25.02
N TYR A 37 -0.98 -9.49 -24.67
CA TYR A 37 -1.74 -9.70 -23.47
C TYR A 37 -1.00 -9.15 -22.24
N LEU A 38 0.27 -9.45 -22.13
CA LEU A 38 1.09 -9.06 -20.97
C LEU A 38 1.29 -7.57 -20.96
N ARG A 39 1.40 -6.95 -22.12
CA ARG A 39 1.45 -5.51 -22.15
C ARG A 39 0.19 -4.85 -21.68
N ILE A 40 -0.96 -5.43 -22.11
CA ILE A 40 -2.22 -4.93 -21.67
C ILE A 40 -2.46 -5.15 -20.13
N MET A 41 -2.08 -6.32 -19.67
CA MET A 41 -2.18 -6.63 -18.27
C MET A 41 -1.29 -5.62 -17.45
N MET A 42 -0.08 -5.34 -17.96
CA MET A 42 0.85 -4.45 -17.22
C MET A 42 0.18 -3.09 -17.14
N ASP A 43 -0.28 -2.55 -18.28
CA ASP A 43 -0.91 -1.26 -18.29
C ASP A 43 -2.15 -1.19 -17.39
N THR A 44 -2.96 -2.22 -17.42
CA THR A 44 -4.19 -2.17 -16.72
C THR A 44 -4.01 -2.29 -15.23
N THR A 45 -3.01 -3.04 -14.81
CA THR A 45 -2.73 -3.22 -13.40
C THR A 45 -1.77 -2.29 -12.75
N CYS A 46 -0.90 -1.62 -13.56
CA CYS A 46 0.16 -0.73 -12.99
C CYS A 46 -0.09 0.77 -13.17
N LEU A 47 -0.92 1.13 -14.14
CA LEU A 47 -1.21 2.50 -14.46
C LEU A 47 -2.56 2.99 -14.04
N GLY A 48 -2.67 4.30 -13.85
CA GLY A 48 -3.94 4.96 -13.56
C GLY A 48 -4.21 5.35 -12.14
N GLY A 49 -3.28 5.13 -11.26
CA GLY A 49 -3.32 5.65 -9.88
C GLY A 49 -2.53 6.95 -9.86
N LYS A 50 -2.13 7.41 -8.67
CA LYS A 50 -1.42 8.68 -8.51
C LYS A 50 0.08 8.50 -8.46
N TYR A 51 0.51 7.26 -8.40
CA TYR A 51 1.92 6.92 -8.35
C TYR A 51 2.60 7.50 -7.12
N PHE A 52 1.87 7.67 -6.05
CA PHE A 52 2.43 8.24 -4.87
C PHE A 52 3.67 7.48 -4.38
N ARG A 53 3.55 6.15 -4.30
CA ARG A 53 4.64 5.32 -3.86
C ARG A 53 5.89 5.49 -4.70
N GLY A 54 5.76 5.29 -6.02
CA GLY A 54 6.90 5.37 -6.90
C GLY A 54 7.49 6.79 -6.96
N MET A 55 6.64 7.82 -7.03
CA MET A 55 7.10 9.24 -6.98
C MET A 55 7.78 9.64 -5.68
N THR A 56 7.45 8.97 -4.57
CA THR A 56 8.18 9.20 -3.34
C THR A 56 9.68 8.89 -3.50
N VAL A 57 10.03 7.78 -4.17
CA VAL A 57 11.43 7.40 -4.39
C VAL A 57 12.11 8.51 -5.16
N VAL A 58 11.43 8.94 -6.22
CA VAL A 58 11.95 10.04 -7.01
C VAL A 58 12.12 11.33 -6.18
N ASN A 59 11.13 11.67 -5.40
CA ASN A 59 11.14 12.87 -4.59
C ASN A 59 12.32 12.89 -3.54
N VAL A 60 12.55 11.79 -2.89
CA VAL A 60 13.57 11.67 -1.90
C VAL A 60 14.90 11.85 -2.65
N ALA A 61 15.03 11.21 -3.79
CA ALA A 61 16.29 11.26 -4.54
C ALA A 61 16.56 12.72 -5.02
N GLU A 62 15.51 13.42 -5.53
CA GLU A 62 15.65 14.81 -5.96
C GLU A 62 16.09 15.69 -4.81
N GLY A 63 15.59 15.45 -3.60
CA GLY A 63 15.99 16.20 -2.47
C GLY A 63 17.45 16.13 -2.19
N PHE A 64 17.99 14.91 -2.25
CA PHE A 64 19.44 14.74 -2.08
C PHE A 64 20.26 15.37 -3.19
N LEU A 65 19.75 15.38 -4.41
CA LEU A 65 20.51 15.87 -5.55
C LEU A 65 20.70 17.34 -5.33
N ALA A 66 19.74 18.00 -4.71
CA ALA A 66 19.81 19.45 -4.50
C ALA A 66 20.88 19.90 -3.53
N VAL A 67 21.43 18.99 -2.75
CA VAL A 67 22.42 19.27 -1.73
C VAL A 67 23.71 18.48 -1.86
N THR A 68 23.86 17.73 -2.91
CA THR A 68 25.01 16.84 -3.06
C THR A 68 25.68 17.13 -4.40
N GLN A 69 27.00 17.18 -4.40
CA GLN A 69 27.74 17.40 -5.62
C GLN A 69 27.88 16.14 -6.48
N HIS A 70 27.51 16.31 -7.73
CA HIS A 70 27.56 15.25 -8.74
C HIS A 70 27.74 15.83 -10.15
N ASP A 71 28.29 14.98 -11.02
CA ASP A 71 28.34 15.20 -12.43
C ASP A 71 26.92 15.10 -12.89
N GLU A 72 26.62 15.77 -13.99
CA GLU A 72 25.26 15.72 -14.56
C GLU A 72 24.89 14.30 -14.93
N ALA A 73 25.82 13.51 -15.48
CA ALA A 73 25.50 12.14 -15.88
C ALA A 73 25.16 11.35 -14.63
N THR A 74 25.76 11.68 -13.49
CA THR A 74 25.43 10.99 -12.21
C THR A 74 24.03 11.36 -11.75
N LYS A 75 23.66 12.65 -11.88
CA LYS A 75 22.34 13.09 -11.49
C LYS A 75 21.30 12.29 -12.34
N GLU A 76 21.54 12.17 -13.61
CA GLU A 76 20.62 11.43 -14.51
C GLU A 76 20.53 9.99 -14.13
N ARG A 77 21.66 9.39 -13.77
CA ARG A 77 21.67 8.00 -13.41
C ARG A 77 20.92 7.77 -12.09
N ILE A 78 21.11 8.68 -11.11
CA ILE A 78 20.39 8.56 -9.86
C ILE A 78 18.88 8.69 -10.09
N LEU A 79 18.48 9.67 -10.89
CA LEU A 79 17.04 9.85 -11.16
C LEU A 79 16.48 8.69 -11.91
N HIS A 80 17.23 8.15 -12.85
CA HIS A 80 16.76 6.95 -13.59
C HIS A 80 16.55 5.74 -12.59
N ASP A 81 17.53 5.56 -11.73
CA ASP A 81 17.49 4.57 -10.69
C ASP A 81 16.27 4.77 -9.76
N ALA A 82 16.02 5.99 -9.33
CA ALA A 82 14.90 6.24 -8.50
C ALA A 82 13.55 5.89 -9.20
N CYS A 83 13.45 6.19 -10.50
CA CYS A 83 12.31 5.81 -11.30
C CYS A 83 12.14 4.32 -11.43
N VAL A 84 13.21 3.58 -11.73
CA VAL A 84 13.17 2.17 -11.78
C VAL A 84 12.75 1.61 -10.42
N GLY A 85 13.35 2.13 -9.38
CA GLY A 85 13.02 1.65 -8.01
C GLY A 85 11.53 1.97 -7.69
N GLY A 86 11.04 3.15 -8.04
CA GLY A 86 9.68 3.55 -7.90
C GLY A 86 8.75 2.55 -8.65
N TRP A 87 9.07 2.22 -9.88
CA TRP A 87 8.30 1.23 -10.62
C TRP A 87 8.33 -0.16 -9.98
N MET A 88 9.41 -0.55 -9.35
CA MET A 88 9.42 -1.82 -8.62
C MET A 88 8.33 -1.78 -7.54
N ILE A 89 8.15 -0.63 -6.89
CA ILE A 89 7.21 -0.59 -5.80
C ILE A 89 5.76 -0.57 -6.40
N GLU A 90 5.58 0.18 -7.48
CA GLU A 90 4.23 0.20 -8.16
C GLU A 90 3.84 -1.19 -8.62
N PHE A 91 4.82 -1.92 -9.19
CA PHE A 91 4.55 -3.27 -9.67
C PHE A 91 4.24 -4.21 -8.50
N LEU A 92 4.92 -4.02 -7.36
CA LEU A 92 4.69 -4.84 -6.16
C LEU A 92 3.28 -4.55 -5.71
N GLN A 93 2.91 -3.28 -5.75
CA GLN A 93 1.53 -2.96 -5.35
C GLN A 93 0.49 -3.58 -6.29
N ALA A 94 0.79 -3.51 -7.57
CA ALA A 94 -0.09 -4.11 -8.57
C ALA A 94 -0.30 -5.62 -8.37
N HIS A 95 0.78 -6.33 -8.02
CA HIS A 95 0.75 -7.77 -7.65
C HIS A 95 -0.25 -7.93 -6.49
N TYR A 96 -0.09 -7.17 -5.42
CA TYR A 96 -0.95 -7.33 -4.24
C TYR A 96 -2.39 -6.90 -4.56
N LEU A 97 -2.64 -5.90 -5.40
CA LEU A 97 -4.01 -5.54 -5.70
C LEU A 97 -4.74 -6.56 -6.56
N VAL A 98 -4.03 -7.14 -7.54
CA VAL A 98 -4.56 -8.24 -8.35
C VAL A 98 -4.94 -9.39 -7.45
N GLU A 99 -4.03 -9.80 -6.61
CA GLU A 99 -4.26 -11.02 -5.85
C GLU A 99 -5.34 -10.75 -4.75
N ASP A 100 -5.28 -9.58 -4.13
CA ASP A 100 -6.22 -9.20 -3.09
C ASP A 100 -7.64 -9.10 -3.61
N ASP A 101 -7.80 -8.56 -4.82
CA ASP A 101 -9.11 -8.44 -5.42
C ASP A 101 -9.72 -9.83 -5.66
N ILE A 102 -8.90 -10.77 -6.09
CA ILE A 102 -9.30 -12.17 -6.26
C ILE A 102 -9.67 -12.78 -4.95
N MET A 103 -8.76 -12.68 -3.98
CA MET A 103 -8.99 -13.19 -2.62
C MET A 103 -10.30 -12.73 -1.98
N ASP A 104 -10.61 -11.45 -2.18
CA ASP A 104 -11.72 -10.81 -1.56
C ASP A 104 -12.99 -10.82 -2.39
N GLY A 105 -12.98 -11.33 -3.59
CA GLY A 105 -14.15 -11.28 -4.46
C GLY A 105 -14.52 -9.86 -4.82
N SER A 106 -13.55 -8.95 -4.90
CA SER A 106 -13.84 -7.59 -5.17
C SER A 106 -14.41 -7.41 -6.57
N VAL A 107 -15.20 -6.35 -6.74
CA VAL A 107 -15.88 -6.11 -8.04
C VAL A 107 -15.18 -5.03 -8.84
N MET A 108 -14.92 -3.94 -8.18
CA MET A 108 -14.26 -2.85 -8.80
C MET A 108 -13.02 -2.38 -8.09
N ARG A 109 -12.26 -1.59 -8.82
CA ARG A 109 -11.03 -0.95 -8.31
C ARG A 109 -10.81 0.31 -9.17
N ARG A 110 -10.76 1.52 -8.58
CA ARG A 110 -10.61 2.81 -9.38
C ARG A 110 -11.66 2.95 -10.52
N GLY A 111 -12.89 2.62 -10.23
CA GLY A 111 -13.96 2.75 -11.21
C GLY A 111 -13.87 1.87 -12.42
N LYS A 112 -13.04 0.81 -12.40
CA LYS A 112 -13.01 -0.18 -13.45
C LYS A 112 -13.11 -1.57 -12.83
N PRO A 113 -13.49 -2.58 -13.62
CA PRO A 113 -13.56 -3.92 -13.07
C PRO A 113 -12.14 -4.35 -12.60
N CYS A 114 -12.14 -5.05 -11.51
CA CYS A 114 -10.94 -5.83 -11.11
C CYS A 114 -10.43 -6.66 -12.28
N TRP A 115 -9.09 -6.77 -12.40
CA TRP A 115 -8.47 -7.52 -13.48
C TRP A 115 -9.03 -8.89 -13.68
N TYR A 116 -9.19 -9.67 -12.62
CA TYR A 116 -9.67 -11.02 -12.82
C TYR A 116 -11.07 -11.11 -13.49
N ARG A 117 -11.82 -10.02 -13.39
CA ARG A 117 -13.15 -9.95 -13.93
C ARG A 117 -13.22 -9.57 -15.37
N PHE A 118 -12.09 -9.16 -15.98
CA PHE A 118 -12.10 -8.90 -17.40
C PHE A 118 -12.47 -10.20 -18.16
N PRO A 119 -13.25 -10.05 -19.21
CA PRO A 119 -13.79 -11.32 -19.76
C PRO A 119 -12.78 -12.34 -20.28
N GLY A 120 -11.65 -11.84 -20.79
CA GLY A 120 -10.60 -12.63 -21.41
C GLY A 120 -9.49 -12.88 -20.44
N VAL A 121 -9.73 -12.62 -19.17
CA VAL A 121 -8.71 -12.92 -18.15
C VAL A 121 -9.10 -14.20 -17.40
N THR A 122 -10.01 -14.04 -16.46
CA THR A 122 -10.49 -15.07 -15.52
C THR A 122 -9.54 -15.24 -14.38
N THR A 123 -10.03 -15.85 -13.29
CA THR A 123 -9.18 -16.12 -12.13
C THR A 123 -7.99 -17.00 -12.48
N GLN A 124 -8.22 -17.92 -13.37
CA GLN A 124 -7.21 -18.88 -13.72
C GLN A 124 -5.96 -18.16 -14.23
N CYS A 125 -6.12 -17.20 -15.10
CA CYS A 125 -5.00 -16.41 -15.60
C CYS A 125 -4.59 -15.37 -14.60
N ALA A 126 -5.56 -14.68 -14.01
CA ALA A 126 -5.26 -13.53 -13.16
C ALA A 126 -4.35 -13.84 -12.01
N ILE A 127 -4.52 -15.01 -11.38
CA ILE A 127 -3.66 -15.34 -10.27
C ILE A 127 -2.23 -15.33 -10.81
N ASN A 128 -2.01 -15.96 -11.96
CA ASN A 128 -0.67 -16.05 -12.51
C ASN A 128 -0.17 -14.71 -12.97
N ASP A 129 -1.07 -13.88 -13.52
CA ASP A 129 -0.69 -12.54 -13.92
C ASP A 129 -0.16 -11.77 -12.74
N GLY A 130 -0.80 -11.91 -11.58
CA GLY A 130 -0.31 -11.24 -10.41
C GLY A 130 1.09 -11.75 -9.97
N ILE A 131 1.33 -13.05 -10.13
CA ILE A 131 2.68 -13.67 -9.92
C ILE A 131 3.72 -12.97 -10.84
N ILE A 132 3.37 -12.88 -12.10
CA ILE A 132 4.27 -12.28 -13.08
C ILE A 132 4.58 -10.85 -12.64
N LEU A 133 3.58 -10.06 -12.26
CA LEU A 133 3.78 -8.66 -11.79
C LEU A 133 4.89 -8.54 -10.74
N LYS A 134 4.85 -9.46 -9.76
CA LYS A 134 5.92 -9.42 -8.77
C LYS A 134 7.28 -9.90 -9.36
N SER A 135 7.27 -10.94 -10.20
CA SER A 135 8.53 -11.40 -10.85
C SER A 135 9.22 -10.29 -11.62
N TRP A 136 8.45 -9.44 -12.31
CA TRP A 136 8.97 -8.27 -13.04
C TRP A 136 9.74 -7.29 -12.16
N THR A 137 9.35 -7.20 -10.87
CA THR A 137 10.11 -6.36 -9.99
C THR A 137 11.53 -6.81 -9.92
N GLN A 138 11.69 -8.11 -9.81
CA GLN A 138 13.04 -8.66 -9.70
C GLN A 138 13.79 -8.60 -11.03
N ILE A 139 13.09 -8.86 -12.12
CA ILE A 139 13.72 -8.71 -13.47
C ILE A 139 14.20 -7.30 -13.65
N MET A 140 13.40 -6.28 -13.34
CA MET A 140 13.88 -4.89 -13.38
C MET A 140 15.14 -4.68 -12.56
N ALA A 141 15.12 -5.09 -11.30
CA ALA A 141 16.24 -4.85 -10.39
C ALA A 141 17.55 -5.43 -10.92
N TRP A 142 17.51 -6.68 -11.31
CA TRP A 142 18.71 -7.39 -11.77
C TRP A 142 19.24 -6.78 -13.08
N HIS A 143 18.35 -6.33 -13.93
CA HIS A 143 18.80 -5.72 -15.18
C HIS A 143 19.38 -4.31 -14.88
N TYR A 144 18.65 -3.43 -14.23
CA TYR A 144 19.02 -2.03 -14.25
C TYR A 144 20.08 -1.77 -13.14
N PHE A 145 20.12 -2.61 -12.11
CA PHE A 145 20.96 -2.32 -10.93
C PHE A 145 22.06 -3.34 -10.77
N ALA A 146 22.29 -4.15 -11.81
CA ALA A 146 23.29 -5.21 -11.73
C ALA A 146 24.63 -4.80 -11.17
N ASP A 147 25.17 -3.69 -11.55
CA ASP A 147 26.51 -3.39 -11.02
C ASP A 147 26.45 -2.43 -9.82
N ARG A 148 25.25 -2.12 -9.31
CA ARG A 148 25.12 -0.98 -8.41
C ARG A 148 25.55 -1.37 -7.01
N PRO A 149 26.20 -0.47 -6.27
CA PRO A 149 26.61 -0.86 -4.93
C PRO A 149 25.47 -1.13 -3.97
N PHE A 150 24.30 -0.54 -4.23
CA PHE A 150 23.12 -0.67 -3.38
C PHE A 150 22.31 -1.98 -3.68
N LEU A 151 22.70 -2.77 -4.67
CA LEU A 151 21.84 -3.87 -5.13
C LEU A 151 21.47 -4.82 -4.03
N LYS A 152 22.48 -5.31 -3.29
CA LYS A 152 22.26 -6.20 -2.15
C LYS A 152 21.23 -5.63 -1.15
N ASP A 153 21.49 -4.44 -0.66
CA ASP A 153 20.61 -3.84 0.34
C ASP A 153 19.23 -3.59 -0.23
N LEU A 154 19.13 -3.13 -1.47
CA LEU A 154 17.82 -2.96 -2.15
C LEU A 154 17.02 -4.29 -2.23
N LEU A 155 17.63 -5.36 -2.70
CA LEU A 155 16.96 -6.67 -2.81
C LEU A 155 16.56 -7.20 -1.44
N CYS A 156 17.46 -7.10 -0.44
CA CYS A 156 17.15 -7.58 0.89
C CYS A 156 15.95 -6.80 1.55
N LEU A 157 15.96 -5.48 1.40
CA LEU A 157 14.91 -4.63 1.88
C LEU A 157 13.56 -4.98 1.19
N PHE A 158 13.60 -5.03 -0.19
CA PHE A 158 12.45 -5.31 -0.96
C PHE A 158 11.77 -6.60 -0.52
N GLN A 159 12.62 -7.59 -0.30
N GLN A 159 12.58 -7.65 -0.28
CA GLN A 159 12.27 -8.92 0.11
CA GLN A 159 12.05 -8.94 0.13
C GLN A 159 11.54 -8.95 1.47
C GLN A 159 11.40 -8.83 1.50
N LYS A 160 12.12 -8.26 2.44
CA LYS A 160 11.54 -8.09 3.78
C LYS A 160 10.18 -7.33 3.78
N VAL A 161 10.08 -6.34 2.93
CA VAL A 161 8.87 -5.59 2.78
C VAL A 161 7.75 -6.45 2.13
N ASP A 162 8.14 -7.16 1.09
CA ASP A 162 7.18 -8.06 0.44
C ASP A 162 6.60 -9.08 1.44
N TYR A 163 7.49 -9.74 2.20
CA TYR A 163 7.13 -10.68 3.22
C TYR A 163 6.23 -10.02 4.30
N ALA A 164 6.61 -8.88 4.79
CA ALA A 164 5.83 -8.15 5.80
C ALA A 164 4.38 -7.93 5.28
N THR A 165 4.28 -7.53 4.00
CA THR A 165 3.02 -7.32 3.34
C THR A 165 2.13 -8.60 3.30
N ALA A 166 2.69 -9.73 2.93
CA ALA A 166 1.94 -10.96 2.83
C ALA A 166 1.51 -11.36 4.26
N VAL A 167 2.39 -11.17 5.25
CA VAL A 167 2.02 -11.43 6.65
C VAL A 167 0.87 -10.53 7.07
N GLY A 168 0.93 -9.26 6.71
CA GLY A 168 -0.16 -8.38 6.90
C GLY A 168 -1.49 -8.76 6.27
N GLN A 169 -1.43 -9.27 5.05
CA GLN A 169 -2.59 -9.80 4.37
C GLN A 169 -3.22 -10.90 5.22
N MET A 170 -2.41 -11.80 5.75
CA MET A 170 -2.93 -12.84 6.62
C MET A 170 -3.62 -12.21 7.83
N TYR A 171 -2.94 -11.28 8.47
CA TYR A 171 -3.57 -10.59 9.65
C TYR A 171 -4.93 -9.99 9.29
N ASP A 172 -5.07 -9.47 8.09
CA ASP A 172 -6.26 -8.79 7.67
C ASP A 172 -7.40 -9.79 7.39
N VAL A 173 -7.10 -10.87 6.67
CA VAL A 173 -8.19 -11.77 6.22
C VAL A 173 -8.67 -12.63 7.36
N THR A 174 -7.85 -12.76 8.42
CA THR A 174 -8.20 -13.51 9.61
C THR A 174 -8.65 -12.61 10.81
N SER A 175 -8.86 -11.34 10.58
CA SER A 175 -9.07 -10.35 11.63
C SER A 175 -10.49 -10.50 12.25
N MET A 176 -11.42 -11.17 11.58
CA MET A 176 -12.77 -11.37 12.06
C MET A 176 -13.00 -12.76 12.64
N CYS A 177 -11.95 -13.57 12.77
CA CYS A 177 -11.95 -14.84 13.46
C CYS A 177 -11.36 -14.76 14.83
N ASP A 178 -11.79 -15.64 15.71
CA ASP A 178 -11.15 -15.73 17.02
C ASP A 178 -9.87 -16.48 16.86
N SER A 179 -8.75 -15.92 17.32
CA SER A 179 -7.46 -16.52 17.06
C SER A 179 -7.32 -17.93 17.56
N ASN A 180 -7.91 -18.22 18.72
CA ASN A 180 -7.79 -19.50 19.31
C ASN A 180 -8.52 -20.59 18.51
N LYS A 181 -9.43 -20.20 17.61
CA LYS A 181 -10.13 -21.15 16.76
C LYS A 181 -9.53 -21.30 15.36
N LEU A 182 -8.47 -20.58 15.03
CA LEU A 182 -7.81 -20.79 13.70
C LEU A 182 -7.39 -22.21 13.55
N ASP A 183 -7.75 -22.84 12.46
CA ASP A 183 -7.49 -24.27 12.31
C ASP A 183 -7.76 -24.62 10.85
N PRO A 184 -6.71 -25.04 10.09
CA PRO A 184 -6.98 -25.37 8.66
C PRO A 184 -8.03 -26.45 8.42
N GLU A 185 -8.20 -27.36 9.42
CA GLU A 185 -9.18 -28.39 9.34
C GLU A 185 -10.63 -27.96 9.59
N VAL A 186 -10.91 -26.75 10.11
CA VAL A 186 -12.28 -26.43 10.57
C VAL A 186 -12.67 -25.10 10.03
N ALA A 187 -13.82 -25.05 9.35
CA ALA A 187 -14.30 -23.84 8.75
C ALA A 187 -14.47 -22.77 9.84
N GLN A 188 -14.06 -21.55 9.50
CA GLN A 188 -13.86 -20.51 10.52
C GLN A 188 -15.08 -19.68 10.74
N PRO A 189 -15.62 -19.69 12.02
CA PRO A 189 -16.78 -18.86 12.30
C PRO A 189 -16.35 -17.45 12.50
N MET A 190 -17.18 -16.54 12.13
CA MET A 190 -16.94 -15.13 12.55
C MET A 190 -16.95 -15.01 14.11
N THR A 191 -16.14 -14.07 14.62
CA THR A 191 -16.12 -13.79 16.05
C THR A 191 -17.54 -13.34 16.47
N THR A 192 -17.98 -13.82 17.64
CA THR A 192 -19.18 -13.33 18.28
C THR A 192 -18.86 -12.23 19.33
N ASP A 193 -17.72 -12.33 20.00
CA ASP A 193 -17.42 -11.35 21.11
C ASP A 193 -16.70 -10.09 20.61
N PHE A 194 -16.05 -10.17 19.45
CA PHE A 194 -15.26 -9.04 19.00
C PHE A 194 -14.13 -8.59 19.93
N ALA A 195 -13.67 -9.48 20.78
CA ALA A 195 -12.59 -9.21 21.75
C ALA A 195 -11.32 -8.79 21.11
N GLU A 196 -11.10 -9.32 19.91
CA GLU A 196 -9.89 -8.99 19.20
C GLU A 196 -10.02 -7.72 18.36
N PHE A 197 -11.13 -6.95 18.44
CA PHE A 197 -11.22 -5.67 17.74
C PHE A 197 -10.62 -4.64 18.68
N THR A 198 -9.31 -4.60 18.79
CA THR A 198 -8.65 -3.64 19.71
C THR A 198 -7.73 -2.69 18.92
N PRO A 199 -7.32 -1.59 19.54
CA PRO A 199 -6.38 -0.74 18.86
C PRO A 199 -5.07 -1.45 18.56
N ALA A 200 -4.53 -2.17 19.53
CA ALA A 200 -3.24 -2.80 19.28
C ALA A 200 -3.32 -3.84 18.15
N ILE A 201 -4.41 -4.60 18.09
CA ILE A 201 -4.57 -5.62 17.08
C ILE A 201 -4.78 -4.96 15.71
N TYR A 202 -5.61 -3.94 15.68
CA TYR A 202 -5.74 -3.13 14.50
C TYR A 202 -4.40 -2.58 13.99
N LYS A 203 -3.66 -1.92 14.85
CA LYS A 203 -2.34 -1.43 14.54
C LYS A 203 -1.53 -2.53 13.87
N ARG A 204 -1.51 -3.75 14.41
CA ARG A 204 -0.65 -4.81 13.83
C ARG A 204 -1.12 -5.09 12.38
N ILE A 205 -2.42 -5.20 12.17
CA ILE A 205 -2.90 -5.39 10.80
C ILE A 205 -2.41 -4.34 9.83
N VAL A 206 -2.63 -3.08 10.17
CA VAL A 206 -2.33 -1.99 9.24
C VAL A 206 -0.81 -1.82 9.05
N LYS A 207 -0.03 -1.98 10.13
CA LYS A 207 1.40 -1.81 10.08
C LYS A 207 2.00 -2.80 9.06
N TYR A 208 1.60 -4.05 9.10
CA TYR A 208 2.12 -5.02 8.12
C TYR A 208 1.43 -4.91 6.74
N LYS A 209 0.12 -4.78 6.67
CA LYS A 209 -0.50 -4.91 5.39
C LYS A 209 -0.24 -3.76 4.39
N THR A 210 -0.01 -2.54 4.92
CA THR A 210 0.10 -1.38 4.11
C THR A 210 1.37 -0.59 4.37
N THR A 211 1.79 -0.40 5.60
CA THR A 211 2.72 0.67 5.84
C THR A 211 4.16 0.39 5.32
N PHE A 212 4.60 -0.88 5.41
CA PHE A 212 5.91 -1.25 4.96
C PHE A 212 6.06 -0.99 3.46
N TYR A 213 5.06 -1.31 2.61
CA TYR A 213 5.27 -1.11 1.17
C TYR A 213 4.80 0.27 0.69
N THR A 214 3.91 0.91 1.44
CA THR A 214 3.41 2.23 1.02
C THR A 214 4.33 3.40 1.46
N TYR A 215 4.87 3.30 2.65
CA TYR A 215 5.70 4.43 3.15
C TYR A 215 7.11 4.04 3.43
N LEU A 216 7.34 2.93 4.12
CA LEU A 216 8.72 2.58 4.44
C LEU A 216 9.56 2.34 3.20
N LEU A 217 9.07 1.48 2.32
CA LEU A 217 9.85 1.06 1.17
C LEU A 217 10.19 2.26 0.28
N PRO A 218 9.20 3.11 -0.09
CA PRO A 218 9.56 4.26 -0.92
C PRO A 218 10.60 5.16 -0.31
N LEU A 219 10.52 5.39 0.99
CA LEU A 219 11.49 6.25 1.67
C LEU A 219 12.89 5.67 1.62
N VAL A 220 13.00 4.46 2.05
CA VAL A 220 14.28 3.79 2.17
C VAL A 220 14.87 3.46 0.79
N MET A 221 14.02 3.15 -0.18
CA MET A 221 14.54 3.01 -1.57
C MET A 221 15.11 4.33 -2.11
N GLY A 222 14.48 5.44 -1.81
CA GLY A 222 15.03 6.75 -2.16
C GLY A 222 16.39 7.00 -1.55
N LEU A 223 16.49 6.64 -0.29
CA LEU A 223 17.77 6.64 0.37
C LEU A 223 18.82 5.71 -0.28
N LEU A 224 18.49 4.46 -0.58
CA LEU A 224 19.45 3.54 -1.18
C LEU A 224 19.92 3.99 -2.58
N VAL A 225 19.02 4.52 -3.44
CA VAL A 225 19.52 4.88 -4.77
C VAL A 225 20.35 6.18 -4.71
N SER A 226 20.17 6.96 -3.67
CA SER A 226 20.98 8.13 -3.32
C SER A 226 22.30 7.86 -2.54
N GLU A 227 22.51 6.65 -2.16
CA GLU A 227 23.63 6.24 -1.28
C GLU A 227 23.67 7.16 -0.11
N ALA A 228 22.52 7.31 0.53
CA ALA A 228 22.31 8.29 1.60
C ALA A 228 21.82 7.63 2.89
N ALA A 229 21.81 6.29 2.97
CA ALA A 229 21.14 5.66 4.13
C ALA A 229 21.85 6.02 5.43
N ALA A 230 23.15 6.26 5.36
CA ALA A 230 23.90 6.72 6.55
C ALA A 230 23.71 8.21 6.90
N SER A 231 22.89 8.97 6.20
CA SER A 231 22.44 10.29 6.60
C SER A 231 21.21 10.32 7.49
N VAL A 232 20.59 9.15 7.73
CA VAL A 232 19.45 9.06 8.58
C VAL A 232 19.59 8.07 9.68
N GLU A 233 18.77 8.28 10.68
CA GLU A 233 18.62 7.34 11.79
C GLU A 233 17.46 6.44 11.32
N MET A 234 17.80 5.20 10.96
CA MET A 234 16.85 4.31 10.36
C MET A 234 15.69 4.04 11.37
N ASN A 235 15.91 4.01 12.70
CA ASN A 235 14.74 3.79 13.56
C ASN A 235 13.68 4.87 13.44
N LEU A 236 14.07 6.11 13.24
CA LEU A 236 13.15 7.22 13.00
C LEU A 236 12.40 7.07 11.72
N VAL A 237 13.07 6.60 10.69
CA VAL A 237 12.42 6.47 9.42
C VAL A 237 11.31 5.40 9.57
N GLU A 238 11.64 4.32 10.26
CA GLU A 238 10.63 3.27 10.51
C GLU A 238 9.45 3.76 11.32
N ARG A 239 9.73 4.45 12.42
CA ARG A 239 8.67 5.00 13.25
C ARG A 239 7.76 5.94 12.49
N VAL A 240 8.34 6.88 11.73
CA VAL A 240 7.49 7.84 11.01
C VAL A 240 6.70 7.17 9.89
N ALA A 241 7.32 6.25 9.16
CA ALA A 241 6.64 5.42 8.18
C ALA A 241 5.43 4.72 8.71
N HIS A 242 5.60 4.06 9.86
CA HIS A 242 4.50 3.30 10.42
C HIS A 242 3.43 4.22 10.92
N LEU A 243 3.81 5.38 11.48
CA LEU A 243 2.79 6.34 11.91
C LEU A 243 1.95 6.92 10.77
N ILE A 244 2.63 7.48 9.79
CA ILE A 244 1.89 8.04 8.65
C ILE A 244 1.06 6.95 7.92
N GLY A 245 1.64 5.74 7.75
CA GLY A 245 0.92 4.63 7.14
C GLY A 245 -0.37 4.23 7.87
N GLU A 246 -0.31 4.26 9.19
CA GLU A 246 -1.50 4.01 10.03
C GLU A 246 -2.62 5.03 9.81
N TYR A 247 -2.26 6.32 9.76
CA TYR A 247 -3.19 7.40 9.48
C TYR A 247 -3.80 7.25 8.07
N PHE A 248 -2.95 6.92 7.11
CA PHE A 248 -3.44 6.61 5.75
C PHE A 248 -4.54 5.54 5.75
N GLN A 249 -4.31 4.44 6.47
CA GLN A 249 -5.26 3.33 6.51
C GLN A 249 -6.56 3.66 7.24
N VAL A 250 -6.48 4.50 8.26
CA VAL A 250 -7.63 4.96 8.99
C VAL A 250 -8.48 5.72 8.05
N GLN A 251 -7.88 6.70 7.38
CA GLN A 251 -8.64 7.43 6.35
C GLN A 251 -9.31 6.52 5.34
N ASP A 252 -8.56 5.56 4.79
CA ASP A 252 -9.14 4.54 3.89
C ASP A 252 -10.33 3.82 4.48
N ASP A 253 -10.19 3.42 5.72
CA ASP A 253 -11.28 2.74 6.45
C ASP A 253 -12.53 3.60 6.57
N VAL A 254 -12.36 4.88 6.92
CA VAL A 254 -13.48 5.80 7.02
C VAL A 254 -14.13 6.00 5.68
N MET A 255 -13.33 6.13 4.64
CA MET A 255 -13.89 6.35 3.28
C MET A 255 -14.67 5.12 2.80
N ASP A 256 -14.21 3.92 3.15
CA ASP A 256 -14.89 2.69 2.72
C ASP A 256 -16.39 2.77 3.04
N CYS A 257 -16.66 3.26 4.26
CA CYS A 257 -18.04 3.37 4.79
C CYS A 257 -18.78 4.63 4.32
N PHE A 258 -18.09 5.76 4.23
CA PHE A 258 -18.82 7.03 4.07
C PHE A 258 -18.63 7.79 2.76
N THR A 259 -17.73 7.37 1.89
CA THR A 259 -17.44 8.10 0.63
C THR A 259 -18.34 7.48 -0.38
N PRO A 260 -19.16 8.31 -1.09
CA PRO A 260 -20.02 7.75 -2.13
C PRO A 260 -19.22 6.87 -3.12
N PRO A 261 -19.82 5.74 -3.55
CA PRO A 261 -19.05 4.86 -4.40
C PRO A 261 -18.40 5.51 -5.64
N GLU A 262 -19.14 6.40 -6.31
CA GLU A 262 -18.65 7.07 -7.55
C GLU A 262 -17.34 7.81 -7.32
N GLN A 263 -17.13 8.30 -6.09
CA GLN A 263 -15.90 9.00 -5.65
C GLN A 263 -14.89 8.00 -5.09
N LEU A 264 -15.37 7.04 -4.31
CA LEU A 264 -14.51 5.91 -3.85
C LEU A 264 -13.84 5.08 -4.99
N GLY A 265 -14.47 5.00 -6.17
CA GLY A 265 -14.07 4.04 -7.24
C GLY A 265 -14.54 2.58 -7.05
N LYS A 266 -15.34 2.34 -6.00
CA LYS A 266 -15.88 1.01 -5.71
C LYS A 266 -17.03 1.16 -4.72
N VAL A 267 -17.79 0.08 -4.55
CA VAL A 267 -18.82 -0.04 -3.49
C VAL A 267 -18.05 -0.66 -2.30
N GLY A 268 -17.99 0.05 -1.18
CA GLY A 268 -17.24 -0.43 -0.02
C GLY A 268 -18.04 -1.51 0.70
N THR A 269 -17.38 -2.61 1.07
CA THR A 269 -18.01 -3.73 1.77
C THR A 269 -17.30 -4.15 3.11
N ASP A 270 -16.53 -3.26 3.77
CA ASP A 270 -15.86 -3.67 5.04
C ASP A 270 -16.84 -4.15 6.10
N ILE A 271 -17.99 -3.51 6.17
CA ILE A 271 -19.03 -3.95 7.12
C ILE A 271 -19.56 -5.37 6.87
N GLU A 272 -19.95 -5.66 5.65
CA GLU A 272 -20.40 -6.99 5.25
C GLU A 272 -19.31 -8.04 5.39
N ASP A 273 -18.08 -7.63 5.14
CA ASP A 273 -16.88 -8.51 5.26
C ASP A 273 -16.38 -8.66 6.70
N ALA A 274 -17.01 -7.95 7.66
CA ALA A 274 -16.72 -8.01 9.06
C ALA A 274 -15.27 -7.59 9.34
N LYS A 275 -14.77 -6.67 8.56
CA LYS A 275 -13.34 -6.26 8.74
C LYS A 275 -13.11 -5.58 10.06
N CYS A 276 -11.91 -5.81 10.61
CA CYS A 276 -11.45 -5.07 11.75
C CYS A 276 -11.02 -3.70 11.22
N SER A 277 -11.96 -2.78 11.12
CA SER A 277 -11.70 -1.43 10.66
C SER A 277 -11.49 -0.49 11.84
N TRP A 278 -10.93 0.67 11.54
CA TRP A 278 -10.83 1.71 12.50
C TRP A 278 -12.19 2.09 13.08
N LEU A 279 -13.20 2.18 12.22
CA LEU A 279 -14.58 2.50 12.65
C LEU A 279 -15.11 1.46 13.64
N ALA A 280 -15.00 0.19 13.32
CA ALA A 280 -15.51 -0.86 14.22
C ALA A 280 -14.77 -0.82 15.57
N VAL A 281 -13.45 -0.69 15.56
CA VAL A 281 -12.66 -0.69 16.76
C VAL A 281 -12.98 0.60 17.60
N THR A 282 -13.07 1.75 16.95
CA THR A 282 -13.30 2.98 17.71
C THR A 282 -14.75 2.96 18.26
N PHE A 283 -15.65 2.38 17.49
CA PHE A 283 -17.05 2.31 17.91
C PHE A 283 -17.11 1.45 19.14
N LEU A 284 -16.39 0.31 19.14
CA LEU A 284 -16.43 -0.58 20.29
C LEU A 284 -15.72 -0.03 21.55
N GLY A 285 -14.76 0.87 21.37
CA GLY A 285 -14.07 1.53 22.45
C GLY A 285 -14.90 2.67 23.06
N LYS A 286 -16.08 2.98 22.51
CA LYS A 286 -16.93 4.02 23.17
C LYS A 286 -18.42 3.69 23.38
N ALA A 287 -18.86 2.58 22.83
CA ALA A 287 -20.24 2.18 22.85
C ALA A 287 -20.69 1.72 24.21
N ASN A 288 -21.98 1.88 24.44
CA ASN A 288 -22.58 1.32 25.65
C ASN A 288 -23.04 -0.12 25.35
N ALA A 289 -23.57 -0.81 26.36
CA ALA A 289 -23.92 -2.23 26.25
C ALA A 289 -24.95 -2.46 25.15
N ALA A 290 -25.98 -1.64 25.12
CA ALA A 290 -26.99 -1.81 24.07
C ALA A 290 -26.46 -1.55 22.64
N GLN A 291 -25.60 -0.51 22.48
CA GLN A 291 -24.93 -0.27 21.18
C GLN A 291 -24.03 -1.45 20.71
N VAL A 292 -23.28 -2.07 21.64
CA VAL A 292 -22.43 -3.20 21.36
C VAL A 292 -23.34 -4.36 20.88
N ALA A 293 -24.38 -4.63 21.65
CA ALA A 293 -25.32 -5.66 21.28
C ALA A 293 -25.92 -5.45 19.89
N GLU A 294 -26.32 -4.23 19.57
CA GLU A 294 -26.90 -3.95 18.24
C GLU A 294 -25.82 -4.05 17.12
N PHE A 295 -24.62 -3.53 17.40
CA PHE A 295 -23.46 -3.87 16.55
C PHE A 295 -23.29 -5.35 16.26
N LYS A 296 -23.27 -6.20 17.27
CA LYS A 296 -23.08 -7.63 17.10
C LYS A 296 -24.20 -8.28 16.31
N ALA A 297 -25.43 -7.78 16.44
CA ALA A 297 -26.55 -8.37 15.66
C ALA A 297 -26.49 -8.05 14.21
N ASN A 298 -25.77 -6.99 13.82
CA ASN A 298 -25.81 -6.54 12.45
C ASN A 298 -24.51 -6.59 11.67
N TYR A 299 -23.38 -6.72 12.35
CA TYR A 299 -22.10 -6.59 11.63
C TYR A 299 -21.82 -7.89 10.86
N GLY A 300 -21.13 -7.73 9.72
CA GLY A 300 -20.59 -8.88 9.00
C GLY A 300 -21.66 -9.67 8.24
N GLU A 301 -22.69 -8.98 7.73
CA GLU A 301 -23.86 -9.57 7.05
C GLU A 301 -24.12 -8.79 5.79
N LYS A 302 -24.37 -9.51 4.71
CA LYS A 302 -24.59 -8.89 3.40
C LYS A 302 -25.91 -8.08 3.37
N ASP A 303 -26.91 -8.50 4.13
CA ASP A 303 -28.23 -7.83 4.23
C ASP A 303 -28.17 -6.28 4.33
N PRO A 304 -28.65 -5.56 3.28
CA PRO A 304 -28.45 -4.10 3.34
C PRO A 304 -29.06 -3.40 4.49
N ALA A 305 -30.20 -3.89 4.99
CA ALA A 305 -30.79 -3.37 6.25
C ALA A 305 -29.75 -3.41 7.41
N LYS A 306 -29.05 -4.55 7.56
CA LYS A 306 -28.08 -4.71 8.66
C LYS A 306 -26.89 -3.77 8.50
N VAL A 307 -26.40 -3.63 7.27
CA VAL A 307 -25.32 -2.69 6.98
C VAL A 307 -25.75 -1.24 7.28
N ALA A 308 -26.98 -0.86 6.90
CA ALA A 308 -27.51 0.50 7.20
C ALA A 308 -27.59 0.77 8.71
N VAL A 309 -27.91 -0.30 9.48
CA VAL A 309 -27.93 -0.26 10.95
C VAL A 309 -26.53 0.01 11.47
N VAL A 310 -25.54 -0.74 10.96
CA VAL A 310 -24.14 -0.48 11.41
C VAL A 310 -23.72 0.95 11.11
N LYS A 311 -24.03 1.43 9.89
CA LYS A 311 -23.63 2.79 9.48
C LYS A 311 -24.28 3.85 10.35
N ARG A 312 -25.55 3.64 10.61
CA ARG A 312 -26.28 4.50 11.54
C ARG A 312 -25.58 4.49 12.91
N LEU A 313 -25.25 3.31 13.47
CA LEU A 313 -24.58 3.22 14.78
C LEU A 313 -23.29 4.04 14.81
N TYR A 314 -22.54 4.03 13.70
CA TYR A 314 -21.28 4.76 13.63
C TYR A 314 -21.50 6.29 13.64
N SER A 315 -22.52 6.75 12.87
CA SER A 315 -22.98 8.18 12.83
C SER A 315 -23.41 8.64 14.20
N LYS A 316 -24.41 7.99 14.78
CA LYS A 316 -24.88 8.36 16.13
C LYS A 316 -23.77 8.40 17.19
N ALA A 317 -22.72 7.60 16.98
CA ALA A 317 -21.62 7.48 17.92
C ALA A 317 -20.60 8.61 17.79
N ASN A 318 -20.77 9.48 16.80
CA ASN A 318 -19.94 10.68 16.61
C ASN A 318 -18.45 10.26 16.52
N LEU A 319 -18.19 9.28 15.68
CA LEU A 319 -16.82 8.85 15.39
C LEU A 319 -16.00 9.92 14.73
N GLN A 320 -16.64 10.83 13.98
CA GLN A 320 -15.96 11.98 13.38
C GLN A 320 -15.12 12.73 14.42
N ALA A 321 -15.64 12.85 15.63
CA ALA A 321 -14.88 13.50 16.71
C ALA A 321 -13.67 12.67 17.19
N ASP A 322 -13.81 11.35 17.32
CA ASP A 322 -12.64 10.51 17.59
C ASP A 322 -11.63 10.62 16.44
N PHE A 323 -12.11 10.71 15.20
CA PHE A 323 -11.19 10.86 14.05
C PHE A 323 -10.40 12.17 14.17
N ALA A 324 -11.06 13.25 14.53
CA ALA A 324 -10.33 14.54 14.69
C ALA A 324 -9.28 14.47 15.79
N ALA A 325 -9.62 13.78 16.85
CA ALA A 325 -8.71 13.61 17.99
C ALA A 325 -7.47 12.69 17.64
N TYR A 326 -7.73 11.59 16.93
CA TYR A 326 -6.68 10.77 16.38
C TYR A 326 -5.78 11.62 15.48
N GLU A 327 -6.39 12.34 14.54
CA GLU A 327 -5.70 13.21 13.61
C GLU A 327 -4.77 14.20 14.31
N ALA A 328 -5.29 14.81 15.37
CA ALA A 328 -4.47 15.76 16.15
C ALA A 328 -3.27 15.15 16.77
N GLU A 329 -3.44 13.94 17.31
CA GLU A 329 -2.34 13.25 17.92
C GLU A 329 -1.28 12.83 16.88
N VAL A 330 -1.75 12.38 15.70
CA VAL A 330 -0.86 11.98 14.61
C VAL A 330 -0.05 13.22 14.16
N VAL A 331 -0.73 14.38 13.99
CA VAL A 331 0.02 15.65 13.67
C VAL A 331 1.11 15.93 14.69
N ARG A 332 0.84 15.75 15.98
CA ARG A 332 1.88 15.96 17.02
C ARG A 332 3.08 15.04 16.81
N GLU A 333 2.76 13.75 16.70
CA GLU A 333 3.78 12.74 16.63
C GLU A 333 4.61 12.82 15.34
N VAL A 334 3.93 13.08 14.26
CA VAL A 334 4.65 13.12 12.92
C VAL A 334 5.54 14.36 12.90
N GLU A 335 5.01 15.48 13.39
CA GLU A 335 5.89 16.70 13.55
C GLU A 335 7.09 16.51 14.46
N SER A 336 6.91 15.80 15.55
CA SER A 336 8.00 15.44 16.48
C SER A 336 9.05 14.60 15.76
N LEU A 337 8.61 13.55 15.06
CA LEU A 337 9.57 12.69 14.29
C LEU A 337 10.30 13.47 13.20
N ILE A 338 9.58 14.33 12.51
CA ILE A 338 10.19 15.21 11.50
C ILE A 338 11.29 16.07 12.12
N GLU A 339 11.01 16.66 13.27
CA GLU A 339 12.05 17.38 13.97
C GLU A 339 13.21 16.56 14.33
N GLN A 340 13.00 15.34 14.83
CA GLN A 340 14.09 14.48 15.16
C GLN A 340 14.96 14.14 13.87
N LEU A 341 14.34 14.03 12.70
CA LEU A 341 15.03 13.65 11.45
C LEU A 341 15.95 14.81 10.98
N LYS A 342 15.54 16.06 11.29
CA LYS A 342 16.36 17.24 11.04
C LYS A 342 17.74 17.21 11.66
N VAL A 343 17.96 16.50 12.74
CA VAL A 343 19.30 16.42 13.40
C VAL A 343 20.38 15.90 12.44
N LYS A 344 20.18 14.68 11.95
CA LYS A 344 21.06 14.14 10.88
C LYS A 344 20.72 14.57 9.45
N SER A 345 19.47 14.80 9.05
CA SER A 345 19.21 15.30 7.60
C SER A 345 18.00 16.15 7.39
N PRO A 346 18.21 17.48 7.36
CA PRO A 346 17.16 18.43 6.98
C PRO A 346 16.48 18.14 5.66
N THR A 347 17.24 17.67 4.68
CA THR A 347 16.73 17.34 3.41
C THR A 347 15.73 16.16 3.48
N PHE A 348 16.18 15.11 4.12
CA PHE A 348 15.32 13.95 4.25
C PHE A 348 14.11 14.33 5.07
N ALA A 349 14.35 15.05 6.17
CA ALA A 349 13.19 15.58 6.94
C ALA A 349 12.15 16.28 6.12
N GLU A 350 12.58 17.17 5.20
CA GLU A 350 11.65 17.85 4.30
C GLU A 350 10.91 16.90 3.35
N SER A 351 11.59 15.83 2.92
CA SER A 351 10.90 14.88 2.03
C SER A 351 9.81 14.19 2.83
N VAL A 352 10.09 13.86 4.11
CA VAL A 352 9.03 13.23 4.97
C VAL A 352 7.89 14.23 5.19
N ALA A 353 8.20 15.51 5.39
CA ALA A 353 7.14 16.53 5.48
C ALA A 353 6.23 16.51 4.25
N VAL A 354 6.80 16.42 3.05
CA VAL A 354 6.02 16.40 1.84
C VAL A 354 5.11 15.14 1.79
N VAL A 355 5.68 13.99 2.12
CA VAL A 355 4.92 12.77 2.24
C VAL A 355 3.72 12.91 3.22
N TRP A 356 4.00 13.51 4.39
CA TRP A 356 2.94 13.81 5.34
C TRP A 356 1.89 14.74 4.78
N GLU A 357 2.26 15.88 4.20
CA GLU A 357 1.24 16.78 3.59
C GLU A 357 0.38 16.07 2.58
N LYS A 358 0.98 15.31 1.67
CA LYS A 358 0.22 14.63 0.65
C LYS A 358 -0.76 13.66 1.25
N THR A 359 -0.40 12.99 2.33
CA THR A 359 -1.32 12.08 3.03
C THR A 359 -2.44 12.77 3.81
N HIS A 360 -2.04 13.81 4.53
CA HIS A 360 -2.89 14.55 5.45
C HIS A 360 -3.99 15.29 4.73
N LYS A 361 -3.69 15.89 3.57
CA LYS A 361 -4.71 16.62 2.77
C LYS A 361 -5.64 15.68 1.97
N ARG A 362 -5.12 15.01 0.94
CA ARG A 362 -5.89 14.39 -0.20
C ARG A 362 -7.44 14.53 -0.29
#